data_8UUG
#
_entry.id   8UUG
#
_cell.length_a   114.200
_cell.length_b   114.200
_cell.length_c   218.557
_cell.angle_alpha   90.000
_cell.angle_beta   90.000
_cell.angle_gamma   90.000
#
_symmetry.space_group_name_H-M   'I 41 2 2'
#
loop_
_entity.id
_entity.type
_entity.pdbx_description
1 polymer 'Papain-like protease nsp3'
2 non-polymer N-[(1R)-1-{(3M,5M)-3-[1-(difluoromethyl)-1H-pyrazol-4-yl]-5-[1-(methoxymethyl)-1H-pyrazol-4-yl]phenyl}ethyl]-5-[2-(dimethylamino)ethoxy]-2-methylbenzamide
3 non-polymer GLYCEROL
4 non-polymer 'ACETATE ION'
5 non-polymer 'ZINC ION'
6 non-polymer 'CHLORIDE ION'
7 water water
#
_entity_poly.entity_id   1
_entity_poly.type   'polypeptide(L)'
_entity_poly.pdbx_seq_one_letter_code
;SNAEVRTIKVFTTVDNINLHTQVVDMSMTYGQQFGPTYLDGADVTKIKPHNSHEGKTFYVLPNDDTLRVEAFEYYHTTDP
SFLGRYMSALNHTKKWKYPQVNGLTSIKWADNNCYLATALLTLQQIELKFNPPALQDAYYRARAGEAANFCALILAYCNK
TVGELGDVRETMSYLFQHANLDSCKRVLNVVCKTCGQQQTTLKGVEAVMYMGTLSYEQFKKGVQIPCTCGKQATKYLVQQ
ESPFVMMSAPPAQYELKHGTFTCASEYTGNYQCGHYKHITSKETLYCIDGALLTKSSEYKGPITDVFYKENSYTTTIK
;
_entity_poly.pdbx_strand_id   A
#
loop_
_chem_comp.id
_chem_comp.type
_chem_comp.name
_chem_comp.formula
ACT non-polymer 'ACETATE ION' 'C2 H3 O2 -1'
CL non-polymer 'CHLORIDE ION' 'Cl -1'
GOL non-polymer GLYCEROL 'C3 H8 O3'
XXW non-polymer N-[(1R)-1-{(3M,5M)-3-[1-(difluoromethyl)-1H-pyrazol-4-yl]-5-[1-(methoxymethyl)-1H-pyrazol-4-yl]phenyl}ethyl]-5-[2-(dimethylamino)ethoxy]-2-methylbenzamide 'C29 H34 F2 N6 O3'
ZN non-polymer 'ZINC ION' 'Zn 2'
#
# COMPACT_ATOMS: atom_id res chain seq x y z
N THR A 7 10.09 0.86 -42.24
CA THR A 7 10.70 0.21 -41.08
C THR A 7 11.28 1.23 -40.13
N ILE A 8 10.89 1.14 -38.86
CA ILE A 8 11.20 2.11 -37.83
C ILE A 8 11.75 1.38 -36.62
N LYS A 9 12.85 1.89 -36.06
CA LYS A 9 13.44 1.27 -34.87
C LYS A 9 12.76 1.80 -33.62
N VAL A 10 12.34 0.88 -32.74
CA VAL A 10 11.67 1.23 -31.49
C VAL A 10 12.28 0.39 -30.36
N PHE A 11 11.83 0.68 -29.14
CA PHE A 11 12.28 -0.01 -27.95
C PHE A 11 11.10 -0.71 -27.29
N THR A 12 11.27 -1.97 -26.92
CA THR A 12 10.30 -2.71 -26.14
C THR A 12 10.91 -3.11 -24.80
N THR A 13 10.08 -3.17 -23.77
CA THR A 13 10.57 -3.48 -22.43
C THR A 13 9.41 -3.98 -21.58
N VAL A 14 9.77 -4.63 -20.48
CA VAL A 14 8.81 -4.97 -19.44
C VAL A 14 9.06 -4.21 -18.15
N ASP A 15 10.24 -3.62 -17.98
CA ASP A 15 10.60 -2.96 -16.72
C ASP A 15 11.15 -1.55 -16.90
N ASN A 16 11.24 -1.06 -18.14
CA ASN A 16 11.84 0.24 -18.48
C ASN A 16 13.30 0.33 -18.06
N ILE A 17 13.91 -0.78 -17.66
CA ILE A 17 15.33 -0.81 -17.32
C ILE A 17 16.05 -1.57 -18.42
N ASN A 18 15.87 -2.89 -18.45
CA ASN A 18 16.38 -3.68 -19.55
C ASN A 18 15.59 -3.34 -20.82
N LEU A 19 16.27 -2.81 -21.83
CA LEU A 19 15.63 -2.39 -23.06
C LEU A 19 16.08 -3.26 -24.22
N HIS A 20 15.18 -3.44 -25.19
CA HIS A 20 15.42 -4.32 -26.33
C HIS A 20 15.05 -3.57 -27.60
N THR A 21 15.95 -3.64 -28.60
CA THR A 21 15.81 -2.89 -29.84
C THR A 21 15.17 -3.78 -30.89
N GLN A 22 13.95 -3.44 -31.31
CA GLN A 22 13.23 -4.17 -32.33
C GLN A 22 12.93 -3.25 -33.51
N VAL A 23 12.88 -3.82 -34.70
CA VAL A 23 12.45 -3.12 -35.91
C VAL A 23 10.98 -3.43 -36.15
N VAL A 24 10.22 -2.41 -36.58
CA VAL A 24 8.77 -2.53 -36.70
C VAL A 24 8.37 -2.13 -38.12
N ASP A 25 7.20 -2.62 -38.54
CA ASP A 25 6.66 -2.37 -39.87
C ASP A 25 5.37 -1.57 -39.78
N MET A 26 5.20 -0.62 -40.70
CA MET A 26 4.04 0.26 -40.65
C MET A 26 2.76 -0.47 -41.02
N SER A 27 2.84 -1.43 -41.95
CA SER A 27 1.64 -2.08 -42.46
C SER A 27 0.94 -2.94 -41.41
N MET A 28 1.65 -3.38 -40.37
CA MET A 28 1.10 -4.24 -39.34
C MET A 28 1.00 -3.47 -38.03
N THR A 29 -0.12 -3.65 -37.33
CA THR A 29 -0.29 -3.03 -36.02
C THR A 29 0.71 -3.63 -35.03
N TYR A 30 0.87 -2.95 -33.90
CA TYR A 30 1.81 -3.40 -32.89
C TYR A 30 1.43 -4.77 -32.34
N GLY A 31 0.13 -5.06 -32.27
CA GLY A 31 -0.30 -6.35 -31.76
C GLY A 31 0.12 -7.51 -32.66
N GLN A 32 0.18 -7.28 -33.97
CA GLN A 32 0.57 -8.36 -34.87
C GLN A 32 2.05 -8.68 -34.75
N GLN A 33 2.87 -7.69 -34.41
CA GLN A 33 4.31 -7.87 -34.33
C GLN A 33 4.81 -8.17 -32.92
N PHE A 34 4.26 -7.50 -31.90
CA PHE A 34 4.73 -7.65 -30.54
C PHE A 34 3.71 -8.26 -29.58
N GLY A 35 2.44 -8.27 -29.93
CA GLY A 35 1.40 -8.65 -28.99
C GLY A 35 0.87 -7.41 -28.30
N PRO A 36 0.29 -7.58 -27.12
CA PRO A 36 -0.19 -6.42 -26.36
C PRO A 36 0.95 -5.45 -26.08
N THR A 37 0.79 -4.21 -26.54
CA THR A 37 1.82 -3.19 -26.48
C THR A 37 1.21 -1.89 -25.95
N TYR A 38 1.99 -1.15 -25.17
CA TYR A 38 1.50 0.04 -24.50
C TYR A 38 2.48 1.18 -24.67
N LEU A 39 1.98 2.40 -24.44
CA LEU A 39 2.80 3.59 -24.49
C LEU A 39 2.16 4.63 -23.57
N ASP A 40 2.77 4.84 -22.40
CA ASP A 40 2.31 5.82 -21.42
C ASP A 40 0.87 5.57 -20.99
N GLY A 41 0.45 4.31 -20.99
CA GLY A 41 -0.90 3.94 -20.59
C GLY A 41 -1.83 3.63 -21.74
N ALA A 42 -1.53 4.13 -22.93
CA ALA A 42 -2.36 3.86 -24.10
C ALA A 42 -2.03 2.49 -24.67
N ASP A 43 -3.06 1.78 -25.13
CA ASP A 43 -2.88 0.46 -25.73
C ASP A 43 -2.73 0.64 -27.25
N VAL A 44 -1.53 0.40 -27.76
CA VAL A 44 -1.24 0.57 -29.18
C VAL A 44 -1.34 -0.78 -29.88
N THR A 45 -2.02 -1.74 -29.23
CA THR A 45 -2.17 -3.07 -29.82
C THR A 45 -2.90 -3.00 -31.16
N LYS A 46 -3.99 -2.23 -31.22
CA LYS A 46 -4.75 -2.05 -32.44
C LYS A 46 -4.23 -0.91 -33.31
N ILE A 47 -3.18 -0.22 -32.88
CA ILE A 47 -2.67 0.96 -33.58
C ILE A 47 -1.47 0.56 -34.41
N LYS A 48 -1.45 1.02 -35.65
CA LYS A 48 -0.29 0.83 -36.51
C LYS A 48 0.80 1.85 -36.16
N PRO A 49 2.06 1.52 -36.40
CA PRO A 49 3.14 2.46 -36.06
C PRO A 49 3.03 3.75 -36.86
N HIS A 50 3.42 4.85 -36.23
CA HIS A 50 3.42 6.16 -36.85
C HIS A 50 4.84 6.72 -36.84
N ASN A 51 5.02 7.84 -37.53
CA ASN A 51 6.33 8.50 -37.54
C ASN A 51 6.71 8.98 -36.15
N SER A 52 5.72 9.44 -35.38
CA SER A 52 5.97 9.84 -33.99
C SER A 52 6.41 8.65 -33.14
N HIS A 53 5.89 7.46 -33.44
CA HIS A 53 6.28 6.23 -32.74
C HIS A 53 7.63 5.77 -33.29
N GLU A 54 8.68 6.49 -32.91
CA GLU A 54 10.04 6.20 -33.35
C GLU A 54 10.98 6.39 -32.16
N GLY A 55 11.81 5.39 -31.88
CA GLY A 55 12.71 5.41 -30.76
C GLY A 55 12.05 5.49 -29.39
N LYS A 56 10.72 5.58 -29.32
CA LYS A 56 10.02 5.60 -28.06
C LYS A 56 10.03 4.22 -27.42
N THR A 57 9.87 4.21 -26.09
CA THR A 57 9.91 2.97 -25.33
C THR A 57 8.49 2.44 -25.13
N PHE A 58 8.29 1.18 -25.50
CA PHE A 58 6.99 0.54 -25.41
C PHE A 58 7.01 -0.57 -24.36
N TYR A 59 5.95 -0.66 -23.58
CA TYR A 59 5.75 -1.77 -22.66
C TYR A 59 5.04 -2.90 -23.39
N VAL A 60 5.55 -4.11 -23.25
CA VAL A 60 4.96 -5.27 -23.91
C VAL A 60 4.73 -6.38 -22.89
N LEU A 61 3.72 -7.19 -23.14
CA LEU A 61 3.53 -8.41 -22.35
C LEU A 61 4.66 -9.40 -22.67
N PRO A 62 5.19 -10.08 -21.66
CA PRO A 62 6.30 -11.02 -21.92
C PRO A 62 5.87 -12.14 -22.87
N ASN A 63 6.64 -12.30 -23.96
CA ASN A 63 6.38 -13.34 -24.94
C ASN A 63 7.53 -14.32 -25.12
N ASP A 64 8.73 -14.01 -24.63
CA ASP A 64 9.85 -14.93 -24.63
C ASP A 64 10.37 -15.09 -23.21
N ASP A 65 11.38 -15.94 -23.04
CA ASP A 65 11.86 -16.25 -21.70
C ASP A 65 12.64 -15.10 -21.09
N THR A 66 13.39 -14.37 -21.91
CA THR A 66 14.10 -13.19 -21.41
C THR A 66 13.12 -12.16 -20.83
N LEU A 67 12.04 -11.88 -21.55
CA LEU A 67 11.04 -10.94 -21.02
C LEU A 67 10.30 -11.51 -19.82
N ARG A 68 10.08 -12.83 -19.79
CA ARG A 68 9.38 -13.41 -18.65
C ARG A 68 10.23 -13.34 -17.39
N VAL A 69 11.54 -13.58 -17.53
CA VAL A 69 12.43 -13.50 -16.38
C VAL A 69 12.55 -12.06 -15.90
N GLU A 70 12.83 -11.14 -16.83
CA GLU A 70 12.91 -9.74 -16.46
C GLU A 70 11.62 -9.24 -15.80
N ALA A 71 10.46 -9.74 -16.25
CA ALA A 71 9.21 -9.32 -15.66
C ALA A 71 9.10 -9.74 -14.20
N PHE A 72 9.55 -10.95 -13.88
CA PHE A 72 9.51 -11.38 -12.48
C PHE A 72 10.55 -10.65 -11.65
N GLU A 73 11.76 -10.45 -12.20
CA GLU A 73 12.82 -9.78 -11.44
C GLU A 73 12.38 -8.39 -10.98
N TYR A 74 11.52 -7.72 -11.76
CA TYR A 74 11.09 -6.36 -11.45
C TYR A 74 9.80 -6.31 -10.65
N TYR A 75 8.82 -7.16 -10.99
CA TYR A 75 7.51 -7.10 -10.37
C TYR A 75 7.24 -8.22 -9.38
N HIS A 76 8.04 -9.29 -9.40
CA HIS A 76 7.87 -10.43 -8.50
C HIS A 76 6.48 -11.05 -8.67
N THR A 77 6.07 -11.22 -9.92
CA THR A 77 4.83 -11.93 -10.23
C THR A 77 4.91 -12.47 -11.66
N THR A 78 4.30 -13.64 -11.86
CA THR A 78 4.19 -14.24 -13.19
C THR A 78 2.77 -14.13 -13.75
N ASP A 79 1.87 -13.45 -13.05
CA ASP A 79 0.49 -13.29 -13.48
C ASP A 79 0.45 -12.55 -14.82
N PRO A 80 -0.12 -13.15 -15.87
CA PRO A 80 -0.13 -12.47 -17.17
C PRO A 80 -1.08 -11.30 -17.21
N SER A 81 -2.00 -11.17 -16.25
CA SER A 81 -2.90 -10.04 -16.23
C SER A 81 -2.33 -8.82 -15.51
N PHE A 82 -1.17 -8.96 -14.87
CA PHE A 82 -0.65 -7.86 -14.07
C PHE A 82 -0.35 -6.65 -14.94
N LEU A 83 0.37 -6.85 -16.04
CA LEU A 83 0.77 -5.73 -16.87
C LEU A 83 -0.45 -4.99 -17.40
N GLY A 84 -1.49 -5.73 -17.81
CA GLY A 84 -2.68 -5.09 -18.33
C GLY A 84 -3.42 -4.30 -17.26
N ARG A 85 -3.66 -4.93 -16.10
CA ARG A 85 -4.30 -4.22 -15.01
C ARG A 85 -3.47 -3.04 -14.53
N TYR A 86 -2.14 -3.15 -14.61
CA TYR A 86 -1.28 -2.04 -14.22
C TYR A 86 -1.42 -0.86 -15.19
N MET A 87 -1.28 -1.13 -16.48
CA MET A 87 -1.41 -0.05 -17.46
C MET A 87 -2.81 0.56 -17.43
N SER A 88 -3.84 -0.25 -17.13
N SER A 88 -3.83 -0.25 -17.11
CA SER A 88 -5.20 0.28 -17.09
CA SER A 88 -5.20 0.28 -17.09
C SER A 88 -5.37 1.28 -15.95
C SER A 88 -5.38 1.27 -15.94
N ALA A 89 -4.78 0.99 -14.79
CA ALA A 89 -4.83 1.93 -13.67
C ALA A 89 -3.94 3.14 -13.91
N LEU A 90 -2.75 2.92 -14.49
CA LEU A 90 -1.84 4.02 -14.76
C LEU A 90 -2.48 5.10 -15.63
N ASN A 91 -3.34 4.70 -16.57
CA ASN A 91 -3.99 5.68 -17.43
C ASN A 91 -4.88 6.62 -16.63
N HIS A 92 -5.34 6.21 -15.45
CA HIS A 92 -6.09 7.08 -14.56
C HIS A 92 -5.18 7.86 -13.62
N THR A 93 -4.24 7.16 -12.98
CA THR A 93 -3.43 7.81 -11.95
C THR A 93 -2.57 8.93 -12.52
N LYS A 94 -2.20 8.83 -13.80
CA LYS A 94 -1.42 9.90 -14.41
C LYS A 94 -2.20 11.20 -14.52
N LYS A 95 -3.54 11.13 -14.54
CA LYS A 95 -4.36 12.32 -14.61
C LYS A 95 -4.75 12.85 -13.25
N TRP A 96 -4.50 12.10 -12.17
CA TRP A 96 -4.75 12.59 -10.83
C TRP A 96 -3.77 13.70 -10.47
N LYS A 97 -4.12 14.46 -9.45
CA LYS A 97 -3.27 15.54 -8.93
C LYS A 97 -2.69 15.13 -7.58
N TYR A 98 -1.39 15.36 -7.41
CA TYR A 98 -0.65 14.93 -6.21
C TYR A 98 -0.05 16.15 -5.52
N PRO A 99 -0.85 16.91 -4.77
CA PRO A 99 -0.33 18.11 -4.12
C PRO A 99 0.48 17.79 -2.88
N GLN A 100 1.42 18.69 -2.58
CA GLN A 100 2.21 18.59 -1.36
C GLN A 100 1.42 19.25 -0.23
N VAL A 101 1.05 18.47 0.78
CA VAL A 101 0.25 18.94 1.91
C VAL A 101 1.05 18.64 3.17
N ASN A 102 1.54 19.69 3.82
CA ASN A 102 2.29 19.56 5.08
C ASN A 102 3.55 18.73 4.87
N GLY A 103 4.22 18.96 3.73
CA GLY A 103 5.42 18.23 3.39
C GLY A 103 5.21 16.81 2.91
N LEU A 104 3.97 16.33 2.86
CA LEU A 104 3.63 14.99 2.40
C LEU A 104 2.96 15.04 1.04
N THR A 105 3.12 13.97 0.27
CA THR A 105 2.50 13.84 -1.04
C THR A 105 1.12 13.21 -0.87
N SER A 106 0.09 13.93 -1.28
CA SER A 106 -1.29 13.47 -1.17
C SER A 106 -1.87 13.29 -2.57
N ILE A 107 -3.18 13.08 -2.63
CA ILE A 107 -3.89 12.94 -3.90
C ILE A 107 -5.17 13.77 -3.84
N LYS A 108 -5.38 14.63 -4.84
CA LYS A 108 -6.67 15.28 -5.00
C LYS A 108 -7.75 14.24 -5.26
N TRP A 109 -8.92 14.42 -4.65
CA TRP A 109 -9.93 13.36 -4.70
C TRP A 109 -10.39 13.13 -6.13
N ALA A 110 -10.45 11.85 -6.51
CA ALA A 110 -10.89 11.41 -7.83
C ALA A 110 -11.02 9.90 -7.85
N ASP A 111 -12.18 9.39 -8.26
CA ASP A 111 -12.39 7.95 -8.44
C ASP A 111 -12.27 7.19 -7.13
N ASN A 112 -12.79 7.79 -6.05
CA ASN A 112 -12.83 7.15 -4.74
C ASN A 112 -11.43 6.74 -4.26
N ASN A 113 -10.45 7.60 -4.54
CA ASN A 113 -9.07 7.33 -4.17
C ASN A 113 -8.75 7.71 -2.73
N CYS A 114 -9.77 8.07 -1.95
CA CYS A 114 -9.53 8.50 -0.55
C CYS A 114 -8.67 7.44 0.16
N TYR A 115 -9.01 6.16 0.00
CA TYR A 115 -8.27 5.13 0.71
C TYR A 115 -6.84 5.01 0.17
N LEU A 116 -6.64 5.30 -1.12
CA LEU A 116 -5.29 5.30 -1.67
C LEU A 116 -4.47 6.46 -1.14
N ALA A 117 -5.06 7.65 -1.08
CA ALA A 117 -4.35 8.79 -0.52
C ALA A 117 -3.96 8.55 0.93
N THR A 118 -4.88 7.97 1.72
CA THR A 118 -4.59 7.69 3.12
C THR A 118 -3.45 6.69 3.25
N ALA A 119 -3.46 5.65 2.43
CA ALA A 119 -2.36 4.69 2.43
C ALA A 119 -1.06 5.34 1.97
N LEU A 120 -1.12 6.19 0.94
CA LEU A 120 0.09 6.84 0.46
C LEU A 120 0.68 7.76 1.51
N LEU A 121 -0.17 8.47 2.25
CA LEU A 121 0.32 9.37 3.29
C LEU A 121 0.92 8.57 4.44
N THR A 122 0.35 7.41 4.74
CA THR A 122 0.87 6.58 5.82
C THR A 122 2.24 6.01 5.48
N LEU A 123 2.40 5.57 4.23
CA LEU A 123 3.66 4.97 3.80
C LEU A 123 4.83 5.94 3.90
N GLN A 124 4.57 7.24 3.77
CA GLN A 124 5.60 8.26 3.90
C GLN A 124 5.99 8.52 5.34
N GLN A 125 5.38 7.84 6.31
CA GLN A 125 5.63 8.08 7.72
C GLN A 125 6.04 6.82 8.48
N ILE A 126 6.11 5.67 7.83
CA ILE A 126 6.58 4.45 8.47
C ILE A 126 7.75 3.89 7.67
N GLU A 127 8.60 3.12 8.34
CA GLU A 127 9.78 2.54 7.71
C GLU A 127 9.41 1.24 7.01
N LEU A 128 9.62 1.18 5.70
CA LEU A 128 9.20 0.02 4.93
C LEU A 128 10.13 -0.13 3.73
N LYS A 129 10.51 -1.37 3.46
CA LYS A 129 11.33 -1.71 2.30
C LYS A 129 10.57 -2.75 1.47
N PHE A 130 10.16 -2.36 0.26
CA PHE A 130 9.43 -3.27 -0.61
C PHE A 130 10.37 -4.25 -1.31
N ASN A 131 9.90 -5.48 -1.47
CA ASN A 131 10.69 -6.53 -2.11
C ASN A 131 10.71 -6.41 -3.64
N PRO A 132 9.57 -6.20 -4.31
CA PRO A 132 9.62 -6.00 -5.77
C PRO A 132 10.33 -4.71 -6.12
N PRO A 133 11.40 -4.77 -6.92
CA PRO A 133 12.06 -3.53 -7.37
C PRO A 133 11.12 -2.53 -8.00
N ALA A 134 10.04 -2.98 -8.64
CA ALA A 134 9.08 -2.05 -9.21
C ALA A 134 8.42 -1.21 -8.12
N LEU A 135 8.04 -1.86 -7.00
CA LEU A 135 7.41 -1.14 -5.91
C LEU A 135 8.38 -0.16 -5.25
N GLN A 136 9.60 -0.62 -4.96
CA GLN A 136 10.54 0.23 -4.26
C GLN A 136 10.91 1.46 -5.08
N ASP A 137 11.13 1.28 -6.39
CA ASP A 137 11.51 2.41 -7.23
C ASP A 137 10.39 3.45 -7.27
N ALA A 138 9.15 3.00 -7.49
CA ALA A 138 8.02 3.90 -7.49
C ALA A 138 7.76 4.49 -6.11
N TYR A 139 8.04 3.72 -5.05
CA TYR A 139 7.98 4.24 -3.70
C TYR A 139 8.88 5.48 -3.54
N TYR A 140 10.12 5.37 -3.99
CA TYR A 140 11.04 6.50 -3.93
C TYR A 140 10.53 7.66 -4.78
N ARG A 141 10.10 7.36 -6.00
CA ARG A 141 9.58 8.42 -6.88
C ARG A 141 8.34 9.06 -6.29
N ALA A 142 7.52 8.28 -5.57
CA ALA A 142 6.34 8.87 -4.96
C ALA A 142 6.71 9.81 -3.82
N ARG A 143 7.70 9.44 -3.01
CA ARG A 143 8.16 10.31 -1.94
C ARG A 143 8.67 11.65 -2.46
N ALA A 144 9.18 11.66 -3.69
CA ALA A 144 9.66 12.89 -4.31
C ALA A 144 8.55 13.70 -4.95
N GLY A 145 7.35 13.14 -5.13
CA GLY A 145 6.26 13.86 -5.73
C GLY A 145 5.58 13.16 -6.89
N GLU A 146 6.33 12.35 -7.64
CA GLU A 146 5.77 11.60 -8.78
C GLU A 146 5.21 10.28 -8.26
N ALA A 147 3.94 10.30 -7.86
CA ALA A 147 3.30 9.16 -7.23
C ALA A 147 2.30 8.46 -8.13
N ALA A 148 2.26 8.82 -9.42
CA ALA A 148 1.32 8.17 -10.34
C ALA A 148 1.66 6.69 -10.52
N ASN A 149 2.91 6.37 -10.84
CA ASN A 149 3.30 4.98 -11.03
C ASN A 149 3.07 4.17 -9.75
N PHE A 150 3.38 4.75 -8.59
CA PHE A 150 3.25 4.01 -7.34
C PHE A 150 1.79 3.67 -7.06
N CYS A 151 0.87 4.60 -7.29
CA CYS A 151 -0.54 4.33 -7.03
C CYS A 151 -1.08 3.27 -7.99
N ALA A 152 -0.66 3.32 -9.25
CA ALA A 152 -1.09 2.29 -10.21
C ALA A 152 -0.59 0.92 -9.79
N LEU A 153 0.64 0.85 -9.27
CA LEU A 153 1.16 -0.43 -8.80
C LEU A 153 0.38 -0.93 -7.60
N ILE A 154 0.00 -0.03 -6.69
CA ILE A 154 -0.78 -0.46 -5.53
C ILE A 154 -2.08 -1.10 -5.97
N LEU A 155 -2.77 -0.48 -6.92
CA LEU A 155 -4.00 -1.04 -7.44
C LEU A 155 -3.77 -2.41 -8.07
N ALA A 156 -2.73 -2.52 -8.90
CA ALA A 156 -2.44 -3.79 -9.55
C ALA A 156 -2.10 -4.88 -8.52
N TYR A 157 -1.24 -4.57 -7.55
CA TYR A 157 -0.85 -5.59 -6.58
C TYR A 157 -2.01 -5.96 -5.66
N CYS A 158 -2.99 -5.07 -5.47
CA CYS A 158 -4.13 -5.34 -4.61
C CYS A 158 -5.32 -5.93 -5.34
N ASN A 159 -5.20 -6.16 -6.65
CA ASN A 159 -6.31 -6.64 -7.48
C ASN A 159 -7.53 -5.74 -7.36
N LYS A 160 -7.28 -4.43 -7.37
CA LYS A 160 -8.33 -3.43 -7.31
C LYS A 160 -8.28 -2.59 -8.58
N THR A 161 -9.44 -2.08 -8.99
CA THR A 161 -9.56 -1.25 -10.17
C THR A 161 -9.89 0.18 -9.76
N VAL A 162 -9.62 1.11 -10.68
CA VAL A 162 -9.91 2.52 -10.43
C VAL A 162 -11.41 2.70 -10.22
N GLY A 163 -11.77 3.51 -9.23
CA GLY A 163 -13.16 3.73 -8.87
C GLY A 163 -13.70 2.75 -7.87
N GLU A 164 -13.12 1.56 -7.78
CA GLU A 164 -13.57 0.59 -6.80
C GLU A 164 -13.30 1.08 -5.39
N LEU A 165 -14.19 0.75 -4.47
CA LEU A 165 -14.09 1.22 -3.09
C LEU A 165 -13.13 0.32 -2.31
N GLY A 166 -12.14 0.95 -1.66
CA GLY A 166 -11.05 0.21 -1.03
C GLY A 166 -10.98 0.45 0.46
N ASP A 167 -10.41 -0.52 1.17
CA ASP A 167 -10.21 -0.47 2.62
C ASP A 167 -8.72 -0.29 2.89
N VAL A 168 -8.39 0.68 3.74
CA VAL A 168 -6.98 1.01 3.99
C VAL A 168 -6.27 -0.13 4.71
N ARG A 169 -6.91 -0.73 5.70
CA ARG A 169 -6.28 -1.83 6.41
C ARG A 169 -6.01 -3.01 5.48
N GLU A 170 -6.93 -3.29 4.56
CA GLU A 170 -6.70 -4.39 3.62
C GLU A 170 -5.62 -4.01 2.62
N THR A 171 -5.58 -2.75 2.20
CA THR A 171 -4.54 -2.29 1.29
C THR A 171 -3.17 -2.32 1.95
N MET A 172 -3.06 -1.85 3.19
CA MET A 172 -1.79 -1.94 3.89
C MET A 172 -1.36 -3.38 4.07
N SER A 173 -2.33 -4.27 4.34
CA SER A 173 -1.99 -5.68 4.51
C SER A 173 -1.42 -6.28 3.24
N TYR A 174 -2.03 -5.99 2.09
CA TYR A 174 -1.48 -6.46 0.83
C TYR A 174 -0.07 -5.95 0.62
N LEU A 175 0.14 -4.66 0.89
CA LEU A 175 1.46 -4.07 0.67
C LEU A 175 2.48 -4.67 1.62
N PHE A 176 2.11 -4.87 2.89
CA PHE A 176 3.04 -5.43 3.86
C PHE A 176 3.55 -6.79 3.41
N GLN A 177 2.71 -7.57 2.73
CA GLN A 177 3.12 -8.88 2.26
C GLN A 177 4.13 -8.79 1.12
N HIS A 178 4.31 -7.62 0.53
CA HIS A 178 5.32 -7.39 -0.49
C HIS A 178 6.51 -6.59 0.04
N ALA A 179 6.67 -6.54 1.35
CA ALA A 179 7.78 -5.83 1.98
C ALA A 179 8.56 -6.80 2.86
N ASN A 180 9.81 -6.44 3.14
CA ASN A 180 10.68 -7.24 3.98
C ASN A 180 10.34 -6.97 5.43
N LEU A 181 9.53 -7.85 6.02
CA LEU A 181 9.18 -7.78 7.43
C LEU A 181 9.63 -9.01 8.19
N ASP A 182 10.64 -9.72 7.66
CA ASP A 182 11.10 -10.94 8.30
C ASP A 182 11.71 -10.67 9.67
N SER A 183 12.40 -9.53 9.83
CA SER A 183 12.96 -9.19 11.13
C SER A 183 11.90 -8.85 12.16
N CYS A 184 10.66 -8.62 11.73
CA CYS A 184 9.61 -8.22 12.65
C CYS A 184 9.08 -9.42 13.43
N LYS A 185 9.06 -9.27 14.76
CA LYS A 185 8.65 -10.35 15.65
C LYS A 185 7.68 -9.81 16.69
N ARG A 186 6.64 -10.58 16.97
CA ARG A 186 5.69 -10.26 18.02
C ARG A 186 5.47 -11.52 18.87
N VAL A 187 5.71 -11.39 20.17
CA VAL A 187 5.53 -12.48 21.12
C VAL A 187 4.35 -12.13 22.01
N LEU A 188 3.32 -12.97 21.99
CA LEU A 188 2.12 -12.77 22.77
C LEU A 188 1.97 -13.88 23.80
N ASN A 189 1.17 -13.62 24.81
CA ASN A 189 0.88 -14.61 25.84
C ASN A 189 -0.58 -14.48 26.23
N VAL A 190 -1.31 -15.58 26.14
CA VAL A 190 -2.70 -15.65 26.57
C VAL A 190 -2.75 -16.46 27.86
N VAL A 191 -3.53 -15.99 28.83
CA VAL A 191 -3.61 -16.61 30.15
C VAL A 191 -5.07 -16.96 30.41
N CYS A 192 -5.33 -18.25 30.63
CA CYS A 192 -6.66 -18.75 30.94
C CYS A 192 -6.70 -19.26 32.37
N LYS A 193 -7.79 -18.95 33.07
CA LYS A 193 -7.93 -19.40 34.46
C LYS A 193 -7.99 -20.91 34.55
N THR A 194 -8.50 -21.58 33.52
CA THR A 194 -8.60 -23.04 33.49
C THR A 194 -7.49 -23.68 32.68
N CYS A 195 -7.29 -23.26 31.44
CA CYS A 195 -6.31 -23.89 30.57
C CYS A 195 -4.88 -23.55 30.98
N GLY A 196 -4.67 -22.39 31.59
CA GLY A 196 -3.33 -21.97 31.97
C GLY A 196 -2.83 -20.80 31.17
N GLN A 197 -1.54 -20.78 30.85
CA GLN A 197 -0.96 -19.73 30.03
C GLN A 197 -0.21 -20.35 28.86
N GLN A 198 -0.33 -19.72 27.69
CA GLN A 198 0.31 -20.20 26.47
C GLN A 198 0.89 -19.01 25.73
N GLN A 199 2.07 -19.20 25.16
CA GLN A 199 2.81 -18.15 24.48
C GLN A 199 2.95 -18.49 23.01
N THR A 200 2.59 -17.55 22.14
CA THR A 200 2.72 -17.71 20.70
C THR A 200 3.59 -16.61 20.13
N THR A 201 4.35 -16.95 19.09
CA THR A 201 5.26 -16.02 18.42
C THR A 201 4.77 -15.78 17.00
N LEU A 202 4.62 -14.50 16.64
CA LEU A 202 4.22 -14.11 15.30
C LEU A 202 5.40 -13.50 14.56
N LYS A 203 5.36 -13.61 13.23
CA LYS A 203 6.45 -13.13 12.40
C LYS A 203 5.86 -12.40 11.19
N GLY A 204 6.59 -11.41 10.72
CA GLY A 204 6.23 -10.78 9.45
C GLY A 204 4.98 -9.91 9.58
N VAL A 205 4.07 -10.07 8.63
CA VAL A 205 2.89 -9.21 8.55
C VAL A 205 2.02 -9.36 9.78
N GLU A 206 1.97 -10.58 10.33
CA GLU A 206 1.17 -10.83 11.52
C GLU A 206 1.74 -10.14 12.75
N ALA A 207 3.02 -9.80 12.73
CA ALA A 207 3.68 -9.17 13.87
C ALA A 207 3.48 -7.67 13.91
N VAL A 208 2.98 -7.05 12.84
CA VAL A 208 2.84 -5.60 12.80
C VAL A 208 1.39 -5.15 12.75
N MET A 209 0.44 -6.07 12.60
CA MET A 209 -0.96 -5.71 12.49
C MET A 209 -1.76 -6.42 13.57
N TYR A 210 -2.71 -5.70 14.16
CA TYR A 210 -3.66 -6.29 15.07
C TYR A 210 -5.03 -5.70 14.79
N MET A 211 -6.05 -6.56 14.77
CA MET A 211 -7.43 -6.15 14.61
C MET A 211 -8.15 -6.38 15.93
N GLY A 212 -8.78 -5.34 16.46
CA GLY A 212 -9.54 -5.48 17.69
C GLY A 212 -9.55 -4.22 18.54
N THR A 213 -8.40 -3.58 18.66
CA THR A 213 -8.29 -2.37 19.46
C THR A 213 -7.40 -1.35 18.75
N LEU A 214 -7.69 -0.08 18.98
CA LEU A 214 -6.90 1.01 18.43
C LEU A 214 -5.74 1.43 19.31
N SER A 215 -5.73 1.03 20.58
CA SER A 215 -4.76 1.51 21.57
C SER A 215 -3.60 0.53 21.68
N TYR A 216 -2.39 0.99 21.33
CA TYR A 216 -1.20 0.20 21.57
C TYR A 216 -0.99 -0.05 23.05
N GLU A 217 -1.33 0.93 23.89
CA GLU A 217 -1.22 0.74 25.34
C GLU A 217 -2.15 -0.37 25.82
N GLN A 218 -3.40 -0.36 25.36
CA GLN A 218 -4.35 -1.40 25.74
C GLN A 218 -3.86 -2.78 25.30
N PHE A 219 -3.18 -2.84 24.15
CA PHE A 219 -2.63 -4.12 23.72
C PHE A 219 -1.51 -4.58 24.64
N LYS A 220 -0.79 -3.62 25.23
CA LYS A 220 0.25 -3.97 26.21
C LYS A 220 -0.36 -4.35 27.55
N LYS A 221 -1.43 -3.66 27.95
CA LYS A 221 -2.11 -4.01 29.19
C LYS A 221 -2.80 -5.37 29.08
N GLY A 222 -3.30 -5.71 27.89
CA GLY A 222 -4.02 -6.96 27.71
C GLY A 222 -5.43 -6.73 27.23
N VAL A 223 -5.91 -7.62 26.37
CA VAL A 223 -7.27 -7.54 25.84
C VAL A 223 -7.96 -8.87 26.10
N GLN A 224 -9.29 -8.82 26.10
CA GLN A 224 -10.11 -10.00 26.40
C GLN A 224 -10.38 -10.76 25.12
N ILE A 225 -9.86 -11.98 25.04
CA ILE A 225 -10.04 -12.85 23.89
C ILE A 225 -10.60 -14.19 24.38
N PRO A 226 -11.67 -14.71 23.78
CA PRO A 226 -12.21 -15.99 24.24
C PRO A 226 -11.22 -17.13 24.00
N CYS A 227 -11.24 -18.10 24.93
CA CYS A 227 -10.30 -19.21 24.92
C CYS A 227 -10.94 -20.45 24.29
N THR A 228 -10.12 -21.49 24.12
CA THR A 228 -10.60 -22.75 23.55
C THR A 228 -11.66 -23.38 24.45
N CYS A 229 -11.48 -23.28 25.77
CA CYS A 229 -12.47 -23.80 26.72
C CYS A 229 -13.75 -22.98 26.75
N GLY A 230 -13.81 -21.86 26.04
CA GLY A 230 -15.00 -21.04 25.95
C GLY A 230 -14.99 -19.80 26.83
N LYS A 231 -14.15 -19.76 27.85
CA LYS A 231 -14.14 -18.65 28.79
C LYS A 231 -13.22 -17.54 28.27
N GLN A 232 -13.52 -16.31 28.70
CA GLN A 232 -12.72 -15.16 28.27
C GLN A 232 -11.34 -15.20 28.92
N ALA A 233 -10.31 -15.10 28.11
CA ALA A 233 -8.92 -15.04 28.58
C ALA A 233 -8.35 -13.66 28.30
N THR A 234 -7.08 -13.49 28.66
CA THR A 234 -6.39 -12.22 28.49
C THR A 234 -5.17 -12.41 27.61
N LYS A 235 -5.13 -11.69 26.49
CA LYS A 235 -3.98 -11.69 25.58
C LYS A 235 -3.28 -10.35 25.70
N TYR A 236 -1.98 -10.38 26.00
CA TYR A 236 -1.18 -9.18 26.17
C TYR A 236 0.13 -9.32 25.42
N LEU A 237 0.72 -8.18 25.07
CA LEU A 237 1.96 -8.16 24.31
C LEU A 237 3.16 -8.37 25.23
N VAL A 238 4.01 -9.32 24.89
CA VAL A 238 5.18 -9.64 25.68
C VAL A 238 6.39 -8.93 25.11
N GLN A 239 6.68 -9.17 23.84
CA GLN A 239 7.83 -8.56 23.18
C GLN A 239 7.40 -8.10 21.78
N GLN A 240 8.03 -7.04 21.30
CA GLN A 240 7.72 -6.49 19.99
C GLN A 240 9.00 -5.90 19.40
N GLU A 241 9.47 -6.49 18.31
CA GLU A 241 10.65 -6.00 17.58
C GLU A 241 10.21 -5.67 16.15
N SER A 242 9.80 -4.43 15.93
CA SER A 242 9.39 -3.98 14.61
C SER A 242 9.55 -2.47 14.55
N PRO A 243 9.81 -1.90 13.37
CA PRO A 243 9.93 -0.43 13.26
C PRO A 243 8.61 0.31 13.43
N PHE A 244 7.47 -0.39 13.50
CA PHE A 244 6.17 0.25 13.68
C PHE A 244 5.17 -0.85 14.03
N VAL A 245 3.98 -0.42 14.42
CA VAL A 245 2.83 -1.31 14.57
C VAL A 245 1.59 -0.60 14.05
N MET A 246 0.63 -1.38 13.58
CA MET A 246 -0.63 -0.89 13.05
C MET A 246 -1.77 -1.48 13.89
N MET A 247 -2.44 -0.63 14.66
CA MET A 247 -3.57 -1.03 15.49
C MET A 247 -4.86 -0.66 14.77
N SER A 248 -5.68 -1.66 14.48
CA SER A 248 -6.92 -1.45 13.75
C SER A 248 -8.11 -1.96 14.55
N ALA A 249 -9.25 -1.31 14.34
CA ALA A 249 -10.51 -1.69 14.96
C ALA A 249 -11.64 -1.11 14.12
N PRO A 250 -12.83 -1.68 14.19
CA PRO A 250 -13.94 -1.13 13.42
C PRO A 250 -14.17 0.33 13.80
N PRO A 251 -14.62 1.15 12.86
CA PRO A 251 -14.72 2.59 13.11
C PRO A 251 -15.56 2.91 14.33
N ALA A 252 -14.94 3.51 15.33
CA ALA A 252 -15.58 3.95 16.55
C ALA A 252 -15.05 5.32 16.93
N GLN A 253 -15.80 6.03 17.77
CA GLN A 253 -15.37 7.34 18.23
C GLN A 253 -14.12 7.19 19.09
N TYR A 254 -13.10 8.00 18.79
CA TYR A 254 -11.80 7.87 19.42
C TYR A 254 -11.16 9.25 19.52
N GLU A 255 -10.42 9.47 20.60
CA GLU A 255 -9.71 10.72 20.81
C GLU A 255 -8.24 10.52 20.49
N LEU A 256 -7.69 11.39 19.63
CA LEU A 256 -6.29 11.34 19.24
C LEU A 256 -5.52 12.44 19.97
N LYS A 257 -4.55 12.06 20.77
CA LYS A 257 -3.72 13.00 21.51
C LYS A 257 -2.41 13.26 20.76
N HIS A 258 -2.02 14.54 20.69
CA HIS A 258 -0.81 14.93 19.99
C HIS A 258 0.43 14.34 20.66
N GLY A 259 1.25 13.63 19.88
CA GLY A 259 2.49 13.06 20.34
C GLY A 259 2.42 11.61 20.79
N THR A 260 1.22 11.04 20.91
CA THR A 260 1.06 9.66 21.35
C THR A 260 0.89 8.68 20.21
N PHE A 261 0.99 9.14 18.97
CA PHE A 261 0.81 8.28 17.80
C PHE A 261 1.47 8.96 16.61
N THR A 262 1.73 8.18 15.57
CA THR A 262 2.32 8.71 14.34
C THR A 262 1.23 9.24 13.39
N CYS A 263 0.30 8.39 12.99
CA CYS A 263 -0.77 8.79 12.10
C CYS A 263 -1.92 7.81 12.28
N ALA A 264 -3.09 8.21 11.76
CA ALA A 264 -4.31 7.45 11.96
C ALA A 264 -5.25 7.62 10.77
N SER A 265 -6.16 6.65 10.63
CA SER A 265 -7.15 6.63 9.55
C SER A 265 -8.53 6.89 10.13
N GLU A 266 -9.18 7.96 9.66
CA GLU A 266 -10.54 8.27 10.00
C GLU A 266 -11.48 7.81 8.88
N TYR A 267 -12.56 7.14 9.25
CA TYR A 267 -13.53 6.64 8.28
C TYR A 267 -14.93 7.02 8.73
N THR A 268 -15.65 7.76 7.88
CA THR A 268 -17.05 8.06 8.05
C THR A 268 -17.87 7.42 6.93
N GLY A 269 -19.18 7.36 7.13
CA GLY A 269 -20.09 6.81 6.15
C GLY A 269 -20.43 5.36 6.43
N ASN A 270 -21.25 4.81 5.54
CA ASN A 270 -21.69 3.43 5.67
C ASN A 270 -20.57 2.48 5.28
N TYR A 271 -20.70 1.23 5.74
CA TYR A 271 -19.74 0.19 5.39
C TYR A 271 -19.55 0.10 3.89
N GLN A 272 -18.29 0.16 3.46
CA GLN A 272 -17.86 0.05 2.07
C GLN A 272 -18.20 1.29 1.23
N CYS A 273 -19.20 2.07 1.63
CA CYS A 273 -19.49 3.33 0.95
C CYS A 273 -19.34 4.48 1.95
N GLY A 274 -18.15 5.05 1.97
CA GLY A 274 -17.87 6.16 2.89
C GLY A 274 -16.60 6.86 2.45
N HIS A 275 -15.98 7.64 3.33
CA HIS A 275 -14.83 8.44 2.94
C HIS A 275 -13.71 8.31 3.97
N TYR A 276 -12.45 8.43 3.50
CA TYR A 276 -11.31 8.27 4.43
C TYR A 276 -10.57 9.58 4.61
N LYS A 277 -10.22 9.93 5.85
CA LYS A 277 -9.38 11.09 6.11
C LYS A 277 -8.14 10.62 6.84
N HIS A 278 -7.09 11.43 6.77
CA HIS A 278 -5.79 11.11 7.36
C HIS A 278 -5.45 12.12 8.45
N ILE A 279 -5.15 11.61 9.64
CA ILE A 279 -4.70 12.43 10.77
C ILE A 279 -3.26 12.07 11.08
N THR A 280 -2.40 13.09 11.12
CA THR A 280 -1.00 12.90 11.45
C THR A 280 -0.61 13.85 12.58
N SER A 281 0.32 13.38 13.42
CA SER A 281 0.70 14.11 14.63
C SER A 281 2.05 14.79 14.42
N LYS A 282 2.02 15.93 13.74
CA LYS A 282 3.17 16.82 13.73
C LYS A 282 3.12 17.67 15.00
N GLU A 283 3.81 18.82 15.00
CA GLU A 283 3.83 19.73 16.14
C GLU A 283 2.43 20.02 16.67
N THR A 284 1.44 20.05 15.78
CA THR A 284 0.02 20.01 16.14
C THR A 284 -0.63 18.92 15.29
N LEU A 285 -1.87 18.57 15.62
CA LEU A 285 -2.58 17.55 14.85
C LEU A 285 -3.03 18.13 13.52
N TYR A 286 -2.63 17.49 12.42
CA TYR A 286 -3.03 17.87 11.08
C TYR A 286 -4.02 16.85 10.53
N CYS A 287 -4.98 17.34 9.73
CA CYS A 287 -5.95 16.49 9.07
C CYS A 287 -5.88 16.74 7.57
N ILE A 288 -5.62 15.68 6.80
CA ILE A 288 -5.46 15.76 5.35
C ILE A 288 -6.62 15.02 4.71
N ASP A 289 -7.48 15.77 4.01
CA ASP A 289 -8.58 15.22 3.25
C ASP A 289 -8.28 15.45 1.77
N GLY A 290 -7.38 14.64 1.24
CA GLY A 290 -6.98 14.78 -0.15
C GLY A 290 -6.10 15.98 -0.35
N ALA A 291 -6.66 17.06 -0.89
CA ALA A 291 -5.95 18.30 -1.09
C ALA A 291 -6.23 19.32 0.00
N LEU A 292 -7.08 18.99 0.97
CA LEU A 292 -7.45 19.91 2.04
C LEU A 292 -6.62 19.64 3.29
N LEU A 293 -6.42 20.69 4.09
CA LEU A 293 -5.62 20.58 5.30
C LEU A 293 -6.25 21.44 6.39
N THR A 294 -6.46 20.84 7.56
CA THR A 294 -6.97 21.56 8.72
C THR A 294 -6.09 21.28 9.93
N LYS A 295 -5.89 22.30 10.76
CA LYS A 295 -5.05 22.19 11.94
C LYS A 295 -5.93 22.25 13.19
N SER A 296 -5.71 21.32 14.11
CA SER A 296 -6.37 21.35 15.40
C SER A 296 -5.43 20.81 16.46
N SER A 297 -5.65 21.23 17.71
CA SER A 297 -4.84 20.73 18.82
C SER A 297 -5.33 19.39 19.35
N GLU A 298 -6.63 19.12 19.28
CA GLU A 298 -7.19 17.85 19.71
C GLU A 298 -8.01 17.27 18.57
N TYR A 299 -8.28 15.96 18.64
CA TYR A 299 -9.12 15.32 17.64
C TYR A 299 -9.94 14.21 18.28
N LYS A 300 -11.25 14.26 18.05
CA LYS A 300 -12.15 13.17 18.37
C LYS A 300 -13.00 12.88 17.14
N GLY A 301 -13.05 11.61 16.76
CA GLY A 301 -13.76 11.21 15.57
C GLY A 301 -13.72 9.71 15.36
N PRO A 302 -14.31 9.24 14.25
CA PRO A 302 -14.32 7.80 13.97
C PRO A 302 -13.00 7.34 13.38
N ILE A 303 -12.16 6.74 14.22
CA ILE A 303 -10.85 6.25 13.82
C ILE A 303 -10.94 4.74 13.67
N THR A 304 -10.28 4.20 12.64
CA THR A 304 -10.27 2.77 12.40
C THR A 304 -8.87 2.17 12.34
N ASP A 305 -7.85 2.96 12.00
CA ASP A 305 -6.45 2.54 12.03
C ASP A 305 -5.63 3.59 12.76
N VAL A 306 -4.71 3.13 13.60
CA VAL A 306 -3.74 4.00 14.25
C VAL A 306 -2.36 3.38 14.10
N PHE A 307 -1.39 4.20 13.73
CA PHE A 307 -0.01 3.75 13.52
C PHE A 307 0.88 4.32 14.61
N TYR A 308 1.77 3.48 15.13
CA TYR A 308 2.66 3.84 16.23
C TYR A 308 4.10 3.53 15.85
N LYS A 309 5.02 4.32 16.40
CA LYS A 309 6.44 4.01 16.23
C LYS A 309 6.87 2.95 17.24
N GLU A 310 7.88 2.18 16.84
CA GLU A 310 8.40 1.12 17.69
C GLU A 310 9.80 0.75 17.20
N ASN A 311 10.57 0.17 18.10
CA ASN A 311 11.89 -0.37 17.75
C ASN A 311 12.04 -1.72 18.45
N SER A 312 12.20 -1.68 19.76
CA SER A 312 12.28 -2.89 20.56
C SER A 312 11.53 -2.66 21.86
N TYR A 313 10.65 -3.58 22.20
CA TYR A 313 9.82 -3.47 23.39
C TYR A 313 9.74 -4.81 24.08
N THR A 314 9.98 -4.82 25.39
CA THR A 314 9.83 -6.00 26.21
C THR A 314 9.00 -5.65 27.43
N THR A 315 7.97 -6.44 27.70
CA THR A 315 7.04 -6.13 28.77
C THR A 315 7.70 -6.31 30.14
N THR A 316 7.09 -5.67 31.15
CA THR A 316 7.53 -5.79 32.53
C THR A 316 6.66 -6.74 33.35
N ILE A 317 5.54 -7.21 32.80
CA ILE A 317 4.69 -8.16 33.52
C ILE A 317 5.36 -9.53 33.52
N LYS A 318 5.02 -10.34 34.51
CA LYS A 318 5.66 -11.67 34.64
C LYS A 318 4.58 -12.74 34.82
C1 XXW B . -12.81 0.81 7.54
C7 XXW B . -15.45 -4.43 10.59
C9 XXW B . -14.81 -6.61 11.60
C13 XXW B . -13.64 -4.21 9.40
N18 XXW B . -20.31 1.01 9.65
C19 XXW B . -21.34 2.01 9.51
C21 XXW B . -23.52 2.42 8.76
N22 XXW B . -20.49 -0.05 10.48
C23 XXW B . -19.37 -0.75 10.38
C24 XXW B . -16.33 0.14 8.24
N25 XXW B . -13.94 -0.19 5.63
C28 XXW B . -14.42 -2.37 3.34
C35 XXW B . -13.23 -8.53 3.04
C36 XXW B . -13.85 -2.17 1.01
C26 XXW B . -14.92 -0.37 4.75
C27 XXW B . -14.54 -0.99 3.43
C2 XXW B . -14.16 0.49 6.91
C3 XXW B . -15.06 -0.29 7.84
C4 XXW B . -14.59 -1.50 8.34
C5 XXW B . -15.35 -2.27 9.21
C6 XXW B . -14.83 -3.56 9.70
C14 XXW B . -16.62 -1.83 9.58
C15 XXW B . -17.11 -0.63 9.10
C16 XXW B . -18.46 -0.17 9.49
C17 XXW B . -19.11 0.96 9.04
C29 XXW B . -14.08 -2.96 2.13
C31 XXW B . -14.32 -5.21 2.96
C32 XXW B . -14.45 -6.53 2.28
C34 XXW B . -12.74 -7.58 0.85
C37 XXW B . -13.98 -0.81 1.11
C38 XXW B . -14.32 -0.17 2.31
C39 XXW B . -14.46 1.32 2.34
F10 XXW B . -14.17 -7.67 11.07
F11 XXW B . -16.12 -6.95 11.62
N12 XXW B . -13.49 -5.38 10.03
N33 XXW B . -13.16 -7.28 2.24
N8 XXW B . -14.64 -5.47 10.76
O20 XXW B . -22.42 1.52 8.77
O30 XXW B . -13.95 -4.30 1.90
O40 XXW B . -16.09 -0.04 4.97
C1 GOL C . -14.41 14.33 -1.08
O1 GOL C . -14.19 15.27 -0.06
C2 GOL C . -15.94 14.16 -1.26
O2 GOL C . -16.26 13.39 -2.37
C3 GOL C . -16.46 13.53 0.07
O3 GOL C . -16.10 14.41 1.09
C ACT D . -11.63 -6.92 -8.40
O ACT D . -11.30 -8.11 -8.68
OXT ACT D . -12.34 -6.52 -7.44
CH3 ACT D . -11.12 -5.80 -9.36
ZN ZN E . 8.73 -10.98 -3.93
ZN ZN F . -9.27 -21.93 28.52
ZN ZN G . -13.95 8.86 -0.94
ZN ZN H . -9.34 8.48 -15.56
ZN ZN I . -10.28 8.12 -13.53
CL CL J . 4.15 6.91 18.04
CL CL K . -19.40 -5.74 8.86
CL CL L . 7.13 -9.72 -3.07
CL CL M . 7.97 -12.95 -4.58
#